data_9IMP
#
_entry.id   9IMP
#
_cell.length_a   59.390
_cell.length_b   90.380
_cell.length_c   170.900
_cell.angle_alpha   90.00
_cell.angle_beta   90.00
_cell.angle_gamma   90.00
#
_symmetry.space_group_name_H-M   'P 21 21 21'
#
loop_
_entity.id
_entity.type
_entity.pdbx_description
1 polymer 'Partitioning defective 3 homolog'
2 polymer 'INSC spindle orientation adaptor protein'
3 water water
#
loop_
_entity_poly.entity_id
_entity_poly.type
_entity_poly.pdbx_seq_one_letter_code
_entity_poly.pdbx_strand_id
1 'polypeptide(L)'
;GPGSEFPDGTREFLTFEVPLNDSGSAGLGVSVKGNRSKENHADLGIFVKSIINGGAASKDGRLRVNDQLIAVNGESLLGK
ANQEAMETLRRSMSTEGNKRGMIQLIVARRIS
;
A,B,C,D,E,F
2 'polypeptide(L)' LCSNMEESFV G,H,I,J,K,L
#
# COMPACT_ATOMS: atom_id res chain seq x y z
N PRO A 7 -7.30 -1.48 11.05
CA PRO A 7 -6.93 -2.89 11.25
C PRO A 7 -6.27 -3.43 9.98
N ASP A 8 -6.75 -2.99 8.82
CA ASP A 8 -6.12 -3.38 7.57
C ASP A 8 -5.33 -2.17 7.05
N GLY A 9 -4.26 -2.44 6.30
CA GLY A 9 -3.55 -1.40 5.58
C GLY A 9 -2.10 -1.31 6.00
N THR A 10 -1.15 -1.42 5.06
CA THR A 10 0.21 -1.04 5.29
C THR A 10 0.46 0.33 4.66
N ARG A 11 1.17 1.22 5.38
CA ARG A 11 1.45 2.54 4.86
C ARG A 11 2.95 2.83 4.78
N GLU A 12 3.31 3.69 3.83
CA GLU A 12 4.67 4.15 3.63
C GLU A 12 4.72 5.62 3.97
N PHE A 13 5.89 6.13 4.37
CA PHE A 13 6.01 7.53 4.77
C PHE A 13 6.53 8.37 3.62
N LEU A 14 5.83 9.46 3.32
CA LEU A 14 6.19 10.38 2.26
C LEU A 14 6.26 11.79 2.85
N THR A 15 7.08 12.64 2.22
CA THR A 15 7.15 14.04 2.60
C THR A 15 7.13 14.90 1.33
N PHE A 16 6.46 16.05 1.45
CA PHE A 16 6.47 17.08 0.44
C PHE A 16 6.20 18.42 1.09
N GLU A 17 6.56 19.49 0.35
CA GLU A 17 6.31 20.87 0.74
C GLU A 17 5.08 21.38 0.02
N VAL A 18 4.20 22.06 0.75
CA VAL A 18 3.03 22.68 0.18
C VAL A 18 3.15 24.21 0.33
N PRO A 19 3.17 24.97 -0.79
CA PRO A 19 3.22 26.44 -0.72
C PRO A 19 1.89 27.08 -0.34
N LEU A 20 1.97 28.29 0.22
CA LEU A 20 0.80 29.11 0.56
C LEU A 20 0.83 30.43 -0.22
N ASN A 21 -0.32 31.14 -0.22
CA ASN A 21 -0.48 32.36 -0.99
C ASN A 21 0.35 33.50 -0.39
N ASP A 22 1.30 33.19 0.50
CA ASP A 22 2.42 34.08 0.79
C ASP A 22 3.41 34.04 -0.40
N LEU A 28 -4.97 26.92 3.09
CA LEU A 28 -4.39 25.57 2.90
C LEU A 28 -5.41 24.62 2.26
N GLY A 29 -6.64 24.67 2.74
CA GLY A 29 -7.77 24.13 2.01
C GLY A 29 -7.95 22.64 2.21
N VAL A 30 -7.93 22.17 3.46
CA VAL A 30 -8.01 20.73 3.74
C VAL A 30 -8.81 20.53 5.03
N SER A 31 -9.59 19.47 5.13
CA SER A 31 -10.20 19.07 6.38
C SER A 31 -9.51 17.79 6.81
N VAL A 32 -9.25 17.64 8.12
CA VAL A 32 -8.68 16.42 8.67
C VAL A 32 -9.60 15.96 9.80
N LYS A 33 -9.64 14.64 10.05
CA LYS A 33 -10.49 14.04 11.06
C LYS A 33 -9.70 13.02 11.87
N GLY A 34 -10.00 12.88 13.15
CA GLY A 34 -9.46 11.78 13.94
C GLY A 34 -10.13 10.46 13.54
N ASN A 35 -9.38 9.36 13.63
CA ASN A 35 -9.95 8.04 13.46
C ASN A 35 -9.75 7.27 14.76
N ARG A 36 -10.74 6.45 15.14
CA ARG A 36 -10.69 5.67 16.38
C ARG A 36 -11.23 4.28 16.10
N SER A 37 -10.69 3.28 16.80
CA SER A 37 -11.21 1.92 16.69
C SER A 37 -12.12 1.65 17.88
N LYS A 38 -13.42 1.54 17.58
CA LYS A 38 -14.45 1.02 18.48
C LYS A 38 -13.90 -0.07 19.39
N GLU A 39 -13.62 -1.25 18.82
CA GLU A 39 -13.52 -2.47 19.60
C GLU A 39 -12.19 -2.57 20.32
N ASN A 40 -11.16 -1.83 19.88
CA ASN A 40 -9.84 -1.91 20.50
C ASN A 40 -9.57 -0.65 21.31
N HIS A 41 -10.62 0.18 21.49
CA HIS A 41 -10.57 1.37 22.31
C HIS A 41 -9.25 2.12 22.09
N ALA A 42 -9.06 2.63 20.87
CA ALA A 42 -7.77 3.18 20.49
C ALA A 42 -7.93 4.27 19.42
N ASP A 43 -7.28 5.42 19.65
CA ASP A 43 -7.08 6.45 18.65
C ASP A 43 -6.08 6.00 17.60
N LEU A 44 -6.37 6.28 16.33
CA LEU A 44 -5.60 5.78 15.20
C LEU A 44 -4.70 6.86 14.60
N GLY A 45 -5.13 8.12 14.67
CA GLY A 45 -4.34 9.22 14.16
C GLY A 45 -5.25 10.26 13.48
N ILE A 46 -4.61 11.24 12.87
CA ILE A 46 -5.28 12.27 12.10
C ILE A 46 -5.16 11.97 10.61
N PHE A 47 -6.28 11.98 9.89
CA PHE A 47 -6.33 11.60 8.50
C PHE A 47 -6.97 12.69 7.66
N VAL A 48 -6.47 12.87 6.44
CA VAL A 48 -7.05 13.84 5.51
C VAL A 48 -8.43 13.32 5.13
N LYS A 49 -9.45 14.15 5.42
CA LYS A 49 -10.84 13.83 5.13
C LYS A 49 -11.19 14.34 3.74
N SER A 50 -10.86 15.61 3.47
CA SER A 50 -11.19 16.20 2.19
C SER A 50 -10.19 17.30 1.82
N ILE A 51 -10.11 17.57 0.50
CA ILE A 51 -9.24 18.59 -0.02
C ILE A 51 -10.11 19.59 -0.79
N ILE A 52 -10.15 20.82 -0.31
CA ILE A 52 -11.00 21.85 -0.88
C ILE A 52 -10.37 22.29 -2.20
N ASN A 53 -11.18 22.23 -3.26
CA ASN A 53 -10.71 22.53 -4.60
C ASN A 53 -10.34 24.01 -4.67
N GLY A 54 -9.19 24.31 -5.25
CA GLY A 54 -8.70 25.68 -5.31
C GLY A 54 -7.79 26.04 -4.13
N GLY A 55 -7.86 25.25 -3.05
CA GLY A 55 -6.97 25.39 -1.91
C GLY A 55 -5.50 25.20 -2.26
N ALA A 56 -4.62 25.62 -1.34
CA ALA A 56 -3.19 25.50 -1.51
C ALA A 56 -2.80 24.04 -1.75
N ALA A 57 -3.42 23.14 -0.97
CA ALA A 57 -3.20 21.71 -1.08
C ALA A 57 -3.63 21.20 -2.45
N SER A 58 -4.76 21.71 -2.93
CA SER A 58 -5.31 21.29 -4.20
C SER A 58 -4.40 21.70 -5.35
N LYS A 59 -3.99 22.97 -5.34
CA LYS A 59 -3.06 23.50 -6.33
C LYS A 59 -1.78 22.66 -6.35
N ASP A 60 -1.29 22.28 -5.17
CA ASP A 60 -0.01 21.60 -5.06
C ASP A 60 -0.14 20.15 -5.55
N GLY A 61 -1.25 19.49 -5.20
CA GLY A 61 -1.65 18.25 -5.83
C GLY A 61 -1.12 16.97 -5.18
N ARG A 62 -0.17 17.08 -4.25
CA ARG A 62 0.50 15.89 -3.69
C ARG A 62 -0.29 15.24 -2.54
N LEU A 63 -0.94 16.03 -1.68
CA LEU A 63 -1.67 15.47 -0.55
C LEU A 63 -2.89 14.74 -1.08
N ARG A 64 -3.28 13.63 -0.42
CA ARG A 64 -4.42 12.84 -0.86
C ARG A 64 -5.31 12.51 0.32
N VAL A 65 -6.59 12.29 0.04
CA VAL A 65 -7.55 11.85 1.03
C VAL A 65 -7.08 10.52 1.60
N ASN A 66 -7.25 10.37 2.92
CA ASN A 66 -6.93 9.18 3.68
C ASN A 66 -5.43 9.09 4.01
N ASP A 67 -4.63 10.06 3.56
CA ASP A 67 -3.29 10.22 4.07
C ASP A 67 -3.35 10.48 5.58
N GLN A 68 -2.49 9.81 6.34
CA GLN A 68 -2.37 10.06 7.75
C GLN A 68 -1.31 11.15 7.95
N LEU A 69 -1.62 12.18 8.73
CA LEU A 69 -0.66 13.23 9.02
C LEU A 69 0.24 12.73 10.14
N ILE A 70 1.55 12.77 9.87
CA ILE A 70 2.56 12.22 10.75
C ILE A 70 3.36 13.36 11.39
N ALA A 71 3.61 14.44 10.66
CA ALA A 71 4.46 15.52 11.13
C ALA A 71 4.27 16.78 10.30
N VAL A 72 4.47 17.94 10.93
CA VAL A 72 4.22 19.23 10.28
C VAL A 72 5.35 20.18 10.69
N ASN A 73 6.11 20.62 9.68
CA ASN A 73 7.31 21.42 9.88
C ASN A 73 8.22 20.81 10.96
N GLY A 74 8.29 19.48 11.04
CA GLY A 74 9.23 18.83 11.92
C GLY A 74 8.59 18.38 13.24
N GLU A 75 7.40 18.92 13.54
CA GLU A 75 6.68 18.58 14.76
C GLU A 75 5.88 17.30 14.53
N SER A 76 6.29 16.19 15.14
CA SER A 76 5.57 14.94 15.07
C SER A 76 4.17 15.06 15.66
N LEU A 77 3.24 14.25 15.15
CA LEU A 77 1.89 14.14 15.69
C LEU A 77 1.68 12.78 16.35
N LEU A 78 2.75 11.98 16.49
CA LEU A 78 2.56 10.52 16.55
C LEU A 78 2.19 10.00 17.92
N GLY A 79 3.02 10.27 18.93
CA GLY A 79 2.77 9.71 20.25
C GLY A 79 1.46 10.21 20.87
N LYS A 80 0.82 11.20 20.24
CA LYS A 80 -0.22 11.99 20.87
C LYS A 80 -1.58 11.34 20.61
N ALA A 81 -2.62 11.87 21.26
CA ALA A 81 -3.98 11.47 21.01
C ALA A 81 -4.59 12.41 19.98
N ASN A 82 -5.76 12.04 19.46
CA ASN A 82 -6.30 12.73 18.30
C ASN A 82 -6.46 14.22 18.62
N GLN A 83 -6.94 14.50 19.83
CA GLN A 83 -7.20 15.85 20.30
C GLN A 83 -5.90 16.66 20.33
N GLU A 84 -4.87 16.10 20.97
CA GLU A 84 -3.60 16.80 21.14
C GLU A 84 -2.96 17.00 19.78
N ALA A 85 -3.02 15.95 18.94
CA ALA A 85 -2.43 15.95 17.61
C ALA A 85 -3.03 17.04 16.73
N MET A 86 -4.35 17.10 16.74
CA MET A 86 -5.08 18.15 16.04
C MET A 86 -4.56 19.52 16.50
N GLU A 87 -4.47 19.71 17.83
CA GLU A 87 -3.96 20.95 18.40
C GLU A 87 -2.60 21.29 17.80
N THR A 88 -1.66 20.34 17.95
CA THR A 88 -0.29 20.50 17.49
C THR A 88 -0.24 20.95 16.03
N LEU A 89 -1.15 20.39 15.23
CA LEU A 89 -1.19 20.66 13.80
C LEU A 89 -1.58 22.13 13.57
N ARG A 90 -2.70 22.57 14.17
CA ARG A 90 -3.18 23.93 14.04
C ARG A 90 -2.09 24.91 14.50
N ARG A 91 -1.49 24.61 15.65
CA ARG A 91 -0.42 25.42 16.22
C ARG A 91 0.70 25.59 15.19
N SER A 92 1.07 24.49 14.51
CA SER A 92 2.20 24.48 13.60
C SER A 92 1.92 25.24 12.29
N MET A 93 0.77 25.92 12.19
CA MET A 93 0.44 26.65 10.98
C MET A 93 0.79 28.14 11.07
N SER A 94 1.24 28.66 12.22
CA SER A 94 1.47 30.08 12.42
C SER A 94 2.45 30.68 11.40
N GLY A 101 4.69 30.77 4.53
CA GLY A 101 5.34 30.57 3.22
C GLY A 101 5.06 29.17 2.64
N MET A 102 5.24 28.13 3.47
CA MET A 102 5.42 26.78 2.96
C MET A 102 5.43 25.78 4.11
N ILE A 103 4.54 24.78 4.04
CA ILE A 103 4.35 23.77 5.07
C ILE A 103 5.02 22.46 4.64
N GLN A 104 5.88 21.90 5.49
CA GLN A 104 6.51 20.63 5.22
C GLN A 104 5.69 19.52 5.87
N LEU A 105 5.02 18.71 5.06
CA LEU A 105 4.22 17.60 5.55
C LEU A 105 5.00 16.29 5.50
N ILE A 106 4.77 15.45 6.51
CA ILE A 106 5.10 14.04 6.44
C ILE A 106 3.80 13.27 6.61
N VAL A 107 3.48 12.43 5.61
CA VAL A 107 2.26 11.67 5.65
C VAL A 107 2.59 10.18 5.58
N ALA A 108 1.60 9.37 5.94
CA ALA A 108 1.67 7.93 5.76
C ALA A 108 0.52 7.54 4.83
N ARG A 109 0.87 6.87 3.73
CA ARG A 109 -0.08 6.58 2.66
C ARG A 109 -0.10 5.09 2.38
N ARG A 110 -1.31 4.53 2.20
CA ARG A 110 -1.44 3.10 1.99
C ARG A 110 -0.84 2.68 0.66
N ILE A 111 -0.12 1.54 0.68
CA ILE A 111 0.38 0.90 -0.53
C ILE A 111 -0.29 -0.45 -0.69
N SER A 112 -1.03 -0.92 0.34
CA SER A 112 -1.62 -2.25 0.33
C SER A 112 -2.86 -2.33 1.24
N ASN B 4 -15.52 11.81 15.88
CA ASN B 4 -15.48 12.90 14.87
C ASN B 4 -14.86 14.15 15.52
N MET B 5 -13.54 14.31 15.33
CA MET B 5 -12.89 15.56 15.67
C MET B 5 -12.27 16.09 14.37
N GLU B 6 -12.96 17.04 13.74
CA GLU B 6 -12.56 17.51 12.43
C GLU B 6 -11.88 18.87 12.57
N GLU B 7 -10.98 19.21 11.64
CA GLU B 7 -10.24 20.47 11.69
C GLU B 7 -10.00 20.98 10.26
N SER B 8 -10.94 21.79 9.76
CA SER B 8 -10.79 22.42 8.46
C SER B 8 -9.74 23.52 8.53
N PHE B 9 -9.15 23.93 7.41
CA PHE B 9 -8.14 25.00 7.41
C PHE B 9 -8.50 26.19 6.51
N VAL B 10 -9.52 26.04 5.66
CA VAL B 10 -10.06 27.09 4.79
C VAL B 10 -8.95 27.87 4.07
N PRO C 7 -10.18 11.05 -8.45
CA PRO C 7 -11.37 10.19 -8.38
C PRO C 7 -10.98 8.70 -8.35
N ASP C 8 -10.34 8.19 -9.39
CA ASP C 8 -10.07 6.73 -9.37
C ASP C 8 -9.07 6.48 -8.23
N GLY C 9 -8.05 7.32 -8.13
CA GLY C 9 -7.01 7.10 -7.11
C GLY C 9 -6.51 5.69 -7.18
N THR C 10 -6.22 5.09 -6.03
CA THR C 10 -5.81 3.70 -6.00
C THR C 10 -6.90 2.88 -5.31
N ARG C 11 -7.39 1.78 -5.89
CA ARG C 11 -8.59 1.14 -5.35
C ARG C 11 -8.39 -0.35 -5.11
N GLU C 12 -9.16 -0.88 -4.15
CA GLU C 12 -9.15 -2.28 -3.76
C GLU C 12 -10.52 -2.84 -4.09
N PHE C 13 -10.62 -4.15 -4.29
CA PHE C 13 -11.88 -4.77 -4.67
C PHE C 13 -12.56 -5.36 -3.44
N LEU C 14 -13.85 -5.05 -3.29
CA LEU C 14 -14.68 -5.64 -2.25
C LEU C 14 -15.90 -6.28 -2.91
N THR C 15 -16.47 -7.30 -2.25
CA THR C 15 -17.71 -7.91 -2.71
C THR C 15 -18.65 -8.11 -1.52
N PHE C 16 -19.94 -7.89 -1.80
CA PHE C 16 -20.99 -8.16 -0.84
C PHE C 16 -22.29 -8.44 -1.60
N GLU C 17 -23.20 -9.14 -0.92
CA GLU C 17 -24.54 -9.41 -1.42
C GLU C 17 -25.51 -8.43 -0.77
N VAL C 18 -26.38 -7.83 -1.60
CA VAL C 18 -27.33 -6.86 -1.13
C VAL C 18 -28.74 -7.43 -1.35
N PRO C 19 -29.54 -7.60 -0.27
CA PRO C 19 -30.93 -8.03 -0.39
C PRO C 19 -31.88 -6.95 -0.88
N LEU C 20 -33.00 -7.38 -1.48
CA LEU C 20 -34.01 -6.48 -2.06
C LEU C 20 -35.36 -6.84 -1.45
N ALA C 26 -39.19 -0.65 -7.19
CA ALA C 26 -37.94 -0.31 -6.48
C ALA C 26 -36.83 -1.28 -6.88
N GLY C 27 -35.59 -0.82 -6.76
CA GLY C 27 -34.42 -1.63 -7.08
C GLY C 27 -33.38 -1.52 -5.98
N LEU C 28 -32.10 -1.40 -6.39
CA LEU C 28 -30.97 -1.19 -5.49
C LEU C 28 -31.09 0.14 -4.74
N GLY C 29 -31.60 1.16 -5.46
CA GLY C 29 -31.93 2.43 -4.84
C GLY C 29 -30.69 3.32 -4.79
N VAL C 30 -30.03 3.44 -5.94
CA VAL C 30 -28.85 4.25 -6.11
C VAL C 30 -28.89 4.85 -7.51
N SER C 31 -28.24 6.01 -7.67
CA SER C 31 -27.91 6.54 -8.98
C SER C 31 -26.43 6.29 -9.26
N VAL C 32 -26.11 5.94 -10.52
CA VAL C 32 -24.75 5.69 -10.93
C VAL C 32 -24.44 6.55 -12.15
N LYS C 33 -23.18 6.93 -12.33
CA LYS C 33 -22.77 7.83 -13.40
C LYS C 33 -21.47 7.34 -14.02
N GLY C 34 -21.31 7.43 -15.34
CA GLY C 34 -20.05 7.16 -16.00
C GLY C 34 -19.05 8.26 -15.68
N ASN C 35 -17.76 7.90 -15.58
CA ASN C 35 -16.70 8.88 -15.42
C ASN C 35 -15.79 8.82 -16.64
N ARG C 36 -15.30 9.99 -17.07
CA ARG C 36 -14.47 10.10 -18.25
C ARG C 36 -13.32 11.04 -17.94
N SER C 37 -12.15 10.77 -18.52
CA SER C 37 -11.10 11.77 -18.54
C SER C 37 -11.10 12.45 -19.89
N LYS C 38 -11.60 13.70 -19.89
CA LYS C 38 -11.49 14.66 -20.99
C LYS C 38 -10.12 14.52 -21.68
N GLU C 39 -9.06 14.95 -20.99
CA GLU C 39 -7.72 14.84 -21.54
C GLU C 39 -7.28 13.42 -21.24
N ASN C 40 -6.84 12.69 -22.24
CA ASN C 40 -6.51 11.27 -22.12
C ASN C 40 -7.62 10.43 -22.73
N HIS C 41 -8.75 11.07 -23.11
CA HIS C 41 -9.76 10.47 -23.96
C HIS C 41 -10.07 9.04 -23.50
N ALA C 42 -10.60 8.91 -22.28
CA ALA C 42 -10.70 7.60 -21.65
C ALA C 42 -11.91 7.53 -20.72
N ASP C 43 -12.73 6.49 -20.94
CA ASP C 43 -13.76 6.08 -20.01
C ASP C 43 -13.14 5.42 -18.79
N LEU C 44 -13.64 5.76 -17.61
CA LEU C 44 -13.06 5.33 -16.34
C LEU C 44 -13.88 4.22 -15.70
N GLY C 45 -15.20 4.24 -15.89
CA GLY C 45 -16.08 3.21 -15.36
C GLY C 45 -17.40 3.78 -14.87
N ILE C 46 -18.19 2.93 -14.21
CA ILE C 46 -19.45 3.36 -13.63
C ILE C 46 -19.28 3.50 -12.13
N PHE C 47 -19.69 4.63 -11.56
CA PHE C 47 -19.49 4.93 -10.15
C PHE C 47 -20.80 5.29 -9.45
N VAL C 48 -20.93 4.89 -8.19
CA VAL C 48 -22.09 5.25 -7.41
C VAL C 48 -22.07 6.76 -7.19
N LYS C 49 -23.13 7.44 -7.65
CA LYS C 49 -23.25 8.89 -7.52
C LYS C 49 -24.00 9.24 -6.23
N SER C 50 -25.11 8.54 -5.98
CA SER C 50 -25.87 8.75 -4.76
C SER C 50 -26.58 7.48 -4.33
N ILE C 51 -26.95 7.41 -3.05
CA ILE C 51 -27.64 6.27 -2.50
C ILE C 51 -28.96 6.77 -1.90
N ILE C 52 -30.08 6.30 -2.45
CA ILE C 52 -31.39 6.77 -2.04
C ILE C 52 -31.67 6.20 -0.66
N ASN C 53 -32.02 7.09 0.27
CA ASN C 53 -32.25 6.71 1.66
C ASN C 53 -33.49 5.84 1.71
N GLY C 54 -33.41 4.72 2.44
CA GLY C 54 -34.52 3.77 2.50
C GLY C 54 -34.42 2.69 1.42
N GLY C 55 -33.60 2.93 0.39
CA GLY C 55 -33.35 1.95 -0.66
C GLY C 55 -32.63 0.70 -0.14
N ALA C 56 -32.62 -0.35 -0.98
CA ALA C 56 -32.06 -1.63 -0.57
C ALA C 56 -30.61 -1.46 -0.15
N ALA C 57 -29.85 -0.70 -0.94
CA ALA C 57 -28.45 -0.44 -0.69
C ALA C 57 -28.28 0.37 0.60
N SER C 58 -29.19 1.31 0.86
CA SER C 58 -29.12 2.12 2.06
C SER C 58 -29.33 1.28 3.30
N LYS C 59 -30.38 0.45 3.29
CA LYS C 59 -30.67 -0.46 4.38
C LYS C 59 -29.47 -1.37 4.65
N ASP C 60 -28.84 -1.83 3.59
CA ASP C 60 -27.76 -2.81 3.70
C ASP C 60 -26.50 -2.14 4.24
N GLY C 61 -26.26 -0.88 3.86
CA GLY C 61 -25.17 -0.09 4.48
C GLY C 61 -23.75 -0.26 3.95
N ARG C 62 -23.48 -1.28 3.14
CA ARG C 62 -22.08 -1.53 2.73
C ARG C 62 -21.66 -0.66 1.54
N LEU C 63 -22.54 -0.42 0.56
CA LEU C 63 -22.19 0.32 -0.64
C LEU C 63 -22.00 1.79 -0.27
N ARG C 64 -21.05 2.46 -0.93
CA ARG C 64 -20.74 3.85 -0.65
C ARG C 64 -20.67 4.65 -1.95
N VAL C 65 -20.91 5.94 -1.83
CA VAL C 65 -20.74 6.88 -2.92
C VAL C 65 -19.29 6.82 -3.39
N ASN C 66 -19.11 6.86 -4.72
CA ASN C 66 -17.81 6.87 -5.37
C ASN C 66 -17.20 5.47 -5.48
N ASP C 67 -17.90 4.45 -4.96
CA ASP C 67 -17.57 3.08 -5.30
C ASP C 67 -17.73 2.87 -6.80
N GLN C 68 -16.76 2.21 -7.42
CA GLN C 68 -16.86 1.84 -8.82
C GLN C 68 -17.52 0.46 -8.90
N LEU C 69 -18.53 0.30 -9.75
CA LEU C 69 -19.16 -0.98 -9.94
C LEU C 69 -18.30 -1.78 -10.91
N ILE C 70 -17.91 -2.97 -10.50
CA ILE C 70 -16.97 -3.81 -11.21
C ILE C 70 -17.68 -5.04 -11.80
N ALA C 71 -18.68 -5.57 -11.10
CA ALA C 71 -19.36 -6.76 -11.54
C ALA C 71 -20.70 -6.91 -10.83
N VAL C 72 -21.65 -7.54 -11.53
CA VAL C 72 -23.00 -7.70 -11.02
C VAL C 72 -23.42 -9.14 -11.31
N ASN C 73 -23.63 -9.90 -10.22
CA ASN C 73 -23.95 -11.31 -10.27
C ASN C 73 -22.96 -12.05 -11.20
N GLY C 74 -21.70 -11.64 -11.21
CA GLY C 74 -20.67 -12.37 -11.95
C GLY C 74 -20.44 -11.82 -13.35
N GLU C 75 -21.32 -10.90 -13.80
CA GLU C 75 -21.15 -10.21 -15.08
C GLU C 75 -20.21 -9.03 -14.86
N SER C 76 -18.97 -9.13 -15.36
CA SER C 76 -18.02 -8.04 -15.24
C SER C 76 -18.49 -6.82 -16.04
N LEU C 77 -18.09 -5.63 -15.60
CA LEU C 77 -18.32 -4.39 -16.32
C LEU C 77 -17.01 -3.84 -16.85
N LEU C 78 -15.91 -4.56 -16.62
CA LEU C 78 -14.60 -4.09 -17.01
C LEU C 78 -14.40 -4.46 -18.47
N GLY C 79 -13.46 -3.79 -19.12
CA GLY C 79 -13.22 -4.01 -20.54
C GLY C 79 -14.26 -3.29 -21.40
N LYS C 80 -15.45 -3.02 -20.85
CA LYS C 80 -16.51 -2.35 -21.57
C LYS C 80 -16.34 -0.84 -21.43
N ALA C 81 -17.05 -0.09 -22.28
CA ALA C 81 -17.11 1.35 -22.22
C ALA C 81 -18.36 1.72 -21.40
N ASN C 82 -18.45 3.00 -21.03
CA ASN C 82 -19.38 3.39 -19.98
C ASN C 82 -20.78 3.02 -20.43
N GLN C 83 -21.09 3.25 -21.71
CA GLN C 83 -22.46 2.99 -22.20
C GLN C 83 -22.73 1.48 -22.16
N GLU C 84 -21.81 0.67 -22.67
CA GLU C 84 -22.04 -0.76 -22.69
C GLU C 84 -22.17 -1.29 -21.26
N ALA C 85 -21.29 -0.79 -20.38
CA ALA C 85 -21.22 -1.20 -18.98
C ALA C 85 -22.53 -0.89 -18.27
N MET C 86 -23.01 0.33 -18.47
CA MET C 86 -24.29 0.78 -17.94
C MET C 86 -25.38 -0.18 -18.42
N GLU C 87 -25.39 -0.51 -19.72
CA GLU C 87 -26.35 -1.43 -20.28
C GLU C 87 -26.31 -2.76 -19.52
N THR C 88 -25.11 -3.36 -19.47
CA THR C 88 -24.90 -4.64 -18.81
C THR C 88 -25.45 -4.63 -17.39
N LEU C 89 -25.29 -3.50 -16.69
CA LEU C 89 -25.72 -3.34 -15.32
C LEU C 89 -27.25 -3.41 -15.24
N ARG C 90 -27.94 -2.57 -16.05
CA ARG C 90 -29.40 -2.54 -16.09
C ARG C 90 -29.93 -3.93 -16.44
N ARG C 91 -29.33 -4.58 -17.44
CA ARG C 91 -29.72 -5.92 -17.85
C ARG C 91 -29.63 -6.88 -16.66
N SER C 92 -28.52 -6.79 -15.90
CA SER C 92 -28.26 -7.72 -14.81
C SER C 92 -29.17 -7.48 -13.60
N MET C 93 -29.89 -6.36 -13.60
CA MET C 93 -30.74 -5.98 -12.48
C MET C 93 -32.17 -6.43 -12.75
N SER C 94 -32.58 -6.47 -14.03
CA SER C 94 -33.90 -6.93 -14.40
C SER C 94 -34.10 -8.40 -14.00
N THR C 95 -33.23 -9.30 -14.50
CA THR C 95 -33.16 -10.66 -14.00
C THR C 95 -32.38 -10.68 -12.69
N GLY C 101 -34.29 -11.63 -5.13
CA GLY C 101 -33.98 -10.64 -4.09
C GLY C 101 -32.56 -10.81 -3.54
N MET C 102 -31.58 -10.92 -4.43
CA MET C 102 -30.18 -10.90 -4.00
C MET C 102 -29.29 -10.41 -5.15
N ILE C 103 -28.57 -9.31 -4.92
CA ILE C 103 -27.63 -8.83 -5.94
C ILE C 103 -26.21 -8.96 -5.43
N GLN C 104 -25.34 -9.65 -6.18
CA GLN C 104 -23.94 -9.81 -5.77
C GLN C 104 -23.13 -8.71 -6.46
N LEU C 105 -22.63 -7.77 -5.66
CA LEU C 105 -21.82 -6.68 -6.18
C LEU C 105 -20.34 -6.99 -5.98
N ILE C 106 -19.53 -6.59 -6.95
CA ILE C 106 -18.11 -6.35 -6.74
C ILE C 106 -17.85 -4.88 -6.99
N VAL C 107 -17.26 -4.18 -6.01
CA VAL C 107 -16.96 -2.78 -6.16
C VAL C 107 -15.45 -2.56 -6.02
N ALA C 108 -14.99 -1.41 -6.52
CA ALA C 108 -13.64 -0.96 -6.28
C ALA C 108 -13.67 0.34 -5.50
N ARG C 109 -12.97 0.38 -4.37
CA ARG C 109 -13.07 1.48 -3.42
C ARG C 109 -11.68 2.00 -3.10
N ARG C 110 -11.54 3.34 -3.02
CA ARG C 110 -10.23 3.93 -2.81
C ARG C 110 -9.65 3.57 -1.44
N ILE C 111 -8.34 3.30 -1.42
CA ILE C 111 -7.56 3.23 -0.19
C ILE C 111 -6.59 4.42 -0.11
N SER C 112 -6.42 5.16 -1.21
CA SER C 112 -5.57 6.32 -1.27
C SER C 112 -6.09 7.37 -2.26
N MET D 5 -21.50 10.33 -18.83
CA MET D 5 -22.47 11.18 -18.09
C MET D 5 -23.88 10.72 -18.45
N GLU D 6 -24.16 9.42 -18.31
CA GLU D 6 -25.50 8.92 -18.58
C GLU D 6 -26.15 8.51 -17.27
N GLU D 7 -26.12 9.40 -16.27
CA GLU D 7 -26.67 9.10 -14.96
C GLU D 7 -27.92 8.23 -15.11
N SER D 8 -27.94 7.09 -14.41
CA SER D 8 -29.13 6.28 -14.29
C SER D 8 -29.47 6.08 -12.82
N PHE D 9 -30.75 5.81 -12.54
CA PHE D 9 -31.17 5.13 -11.33
C PHE D 9 -31.17 3.62 -11.61
N VAL D 10 -30.77 2.85 -10.59
CA VAL D 10 -30.72 1.40 -10.67
C VAL D 10 -31.08 0.83 -9.29
N PRO E 7 0.69 -15.11 -5.08
CA PRO E 7 1.93 -15.45 -5.77
C PRO E 7 3.09 -15.46 -4.78
N ASP E 8 4.11 -14.65 -5.01
CA ASP E 8 5.30 -14.68 -4.12
C ASP E 8 4.81 -14.70 -2.66
N GLY E 9 3.65 -14.12 -2.37
CA GLY E 9 3.19 -14.23 -1.00
C GLY E 9 1.71 -14.58 -0.94
N THR E 10 0.94 -13.91 -0.05
CA THR E 10 -0.48 -13.68 -0.29
C THR E 10 -0.66 -12.29 -0.90
N ARG E 11 -1.46 -12.15 -1.96
CA ARG E 11 -1.57 -10.88 -2.65
C ARG E 11 -3.01 -10.39 -2.72
N GLU E 12 -3.15 -9.07 -2.83
CA GLU E 12 -4.39 -8.33 -2.90
C GLU E 12 -4.44 -7.72 -4.29
N PHE E 13 -5.63 -7.45 -4.84
CA PHE E 13 -5.75 -6.79 -6.13
C PHE E 13 -5.96 -5.29 -5.93
N LEU E 14 -5.17 -4.49 -6.65
CA LEU E 14 -5.36 -3.05 -6.71
C LEU E 14 -5.49 -2.60 -8.15
N THR E 15 -6.22 -1.50 -8.33
CA THR E 15 -6.40 -0.91 -9.65
C THR E 15 -6.19 0.60 -9.57
N PHE E 16 -5.53 1.11 -10.62
CA PHE E 16 -5.30 2.53 -10.81
C PHE E 16 -5.10 2.80 -12.30
N GLU E 17 -5.30 4.06 -12.69
CA GLU E 17 -5.10 4.55 -14.05
C GLU E 17 -3.74 5.24 -14.14
N VAL E 18 -3.00 4.91 -15.19
CA VAL E 18 -1.72 5.55 -15.46
C VAL E 18 -1.84 6.32 -16.76
N PRO E 19 -1.64 7.66 -16.76
CA PRO E 19 -1.63 8.45 -18.00
C PRO E 19 -0.33 8.30 -18.80
N LEU E 20 -0.45 8.55 -20.11
CA LEU E 20 0.62 8.40 -21.09
C LEU E 20 0.88 9.73 -21.82
N ASN E 21 1.84 9.74 -22.75
CA ASN E 21 2.25 10.96 -23.46
C ASN E 21 2.67 10.64 -24.89
N ASP E 22 2.42 11.60 -25.78
CA ASP E 22 2.65 11.49 -27.22
C ASP E 22 3.11 10.08 -27.60
N SER E 25 3.69 5.20 -26.97
CA SER E 25 4.97 5.22 -27.71
C SER E 25 6.11 5.05 -26.72
N ALA E 26 6.04 5.80 -25.62
CA ALA E 26 6.92 5.67 -24.48
C ALA E 26 6.64 4.38 -23.69
N GLY E 27 5.34 4.05 -23.56
CA GLY E 27 4.90 2.91 -22.77
C GLY E 27 4.83 3.28 -21.28
N LEU E 28 4.77 2.26 -20.44
CA LEU E 28 4.73 2.44 -19.00
C LEU E 28 6.06 2.96 -18.49
N GLY E 29 7.15 2.51 -19.08
CA GLY E 29 8.48 2.88 -18.64
C GLY E 29 8.98 1.99 -17.50
N VAL E 30 8.83 0.69 -17.72
CA VAL E 30 9.12 -0.34 -16.74
C VAL E 30 9.67 -1.55 -17.48
N SER E 31 10.48 -2.35 -16.78
CA SER E 31 10.83 -3.67 -17.22
C SER E 31 10.02 -4.69 -16.43
N VAL E 32 9.55 -5.72 -17.13
CA VAL E 32 8.78 -6.77 -16.50
C VAL E 32 9.45 -8.09 -16.83
N LYS E 33 9.31 -9.08 -15.93
CA LYS E 33 9.87 -10.39 -16.16
C LYS E 33 8.80 -11.44 -15.90
N GLY E 34 8.73 -12.46 -16.76
CA GLY E 34 7.92 -13.63 -16.47
C GLY E 34 8.58 -14.45 -15.36
N ASN E 35 7.79 -15.02 -14.45
CA ASN E 35 8.34 -15.77 -13.33
C ASN E 35 7.82 -17.19 -13.46
N ARG E 36 8.69 -18.16 -13.12
CA ARG E 36 8.39 -19.57 -13.38
C ARG E 36 8.80 -20.38 -12.15
N SER E 37 8.15 -21.54 -11.94
CA SER E 37 8.55 -22.45 -10.89
C SER E 37 9.78 -23.24 -11.32
N LYS E 38 10.88 -22.98 -10.59
CA LYS E 38 12.11 -23.77 -10.59
C LYS E 38 11.78 -25.25 -10.72
N GLU E 39 11.11 -25.80 -9.70
CA GLU E 39 10.74 -27.20 -9.64
C GLU E 39 9.60 -27.46 -10.66
N ALA E 42 6.05 -24.52 -14.18
CA ALA E 42 4.78 -23.75 -14.20
C ALA E 42 5.04 -22.24 -14.22
N ASP E 43 4.40 -21.55 -15.17
CA ASP E 43 4.44 -20.11 -15.29
C ASP E 43 3.61 -19.46 -14.18
N LEU E 44 4.15 -18.40 -13.57
CA LEU E 44 3.56 -17.76 -12.40
C LEU E 44 2.88 -16.44 -12.76
N GLY E 45 3.38 -15.74 -13.78
CA GLY E 45 2.78 -14.50 -14.25
C GLY E 45 3.85 -13.49 -14.67
N ILE E 46 3.41 -12.27 -14.97
CA ILE E 46 4.30 -11.18 -15.32
C ILE E 46 4.45 -10.24 -14.12
N PHE E 47 5.68 -9.91 -13.75
CA PHE E 47 5.95 -9.11 -12.57
C PHE E 47 6.83 -7.90 -12.90
N VAL E 48 6.56 -6.77 -12.24
CA VAL E 48 7.35 -5.56 -12.44
C VAL E 48 8.74 -5.81 -11.86
N LYS E 49 9.76 -5.71 -12.71
CA LYS E 49 11.14 -5.90 -12.28
C LYS E 49 11.77 -4.58 -11.89
N SER E 50 11.59 -3.56 -12.72
CA SER E 50 12.08 -2.22 -12.41
C SER E 50 11.21 -1.13 -13.03
N ILE E 51 11.27 0.08 -12.47
CA ILE E 51 10.47 1.21 -12.93
C ILE E 51 11.41 2.34 -13.31
N ILE E 52 11.43 2.69 -14.59
CA ILE E 52 12.45 3.56 -15.12
C ILE E 52 12.07 4.98 -14.73
N ASN E 53 13.00 5.69 -14.11
CA ASN E 53 12.77 7.04 -13.64
C ASN E 53 12.40 7.97 -14.79
N GLY E 54 11.34 8.76 -14.60
CA GLY E 54 10.84 9.65 -15.64
C GLY E 54 9.78 9.00 -16.51
N GLY E 55 9.68 7.65 -16.47
CA GLY E 55 8.62 6.92 -17.15
C GLY E 55 7.22 7.29 -16.65
N ALA E 56 6.21 6.90 -17.43
CA ALA E 56 4.83 7.20 -17.12
C ALA E 56 4.47 6.65 -15.74
N ALA E 57 4.89 5.41 -15.49
CA ALA E 57 4.63 4.72 -14.23
C ALA E 57 5.36 5.42 -13.09
N SER E 58 6.56 5.93 -13.33
CA SER E 58 7.34 6.62 -12.32
C SER E 58 6.63 7.91 -11.93
N LYS E 59 6.26 8.72 -12.93
CA LYS E 59 5.54 9.97 -12.70
C LYS E 59 4.27 9.70 -11.91
N ASP E 60 3.57 8.61 -12.22
CA ASP E 60 2.28 8.32 -11.63
C ASP E 60 2.45 7.87 -10.18
N GLY E 61 3.48 7.05 -9.91
CA GLY E 61 3.93 6.77 -8.56
C GLY E 61 3.27 5.57 -7.87
N ARG E 62 2.24 4.97 -8.47
CA ARG E 62 1.47 3.93 -7.80
C ARG E 62 2.06 2.54 -8.02
N LEU E 63 2.55 2.27 -9.22
CA LEU E 63 3.04 0.93 -9.55
C LEU E 63 4.32 0.67 -8.76
N ARG E 64 4.52 -0.58 -8.32
CA ARG E 64 5.69 -0.90 -7.50
C ARG E 64 6.36 -2.16 -8.04
N VAL E 65 7.64 -2.28 -7.75
CA VAL E 65 8.41 -3.46 -8.09
C VAL E 65 7.78 -4.66 -7.38
N ASN E 66 7.73 -5.76 -8.12
CA ASN E 66 7.23 -7.05 -7.65
C ASN E 66 5.70 -7.13 -7.75
N ASP E 67 5.03 -6.05 -8.15
CA ASP E 67 3.63 -6.12 -8.50
C ASP E 67 3.46 -7.10 -9.67
N GLN E 68 2.45 -7.96 -9.57
CA GLN E 68 2.08 -8.83 -10.66
C GLN E 68 1.06 -8.08 -11.52
N LEU E 69 1.28 -8.06 -12.83
CA LEU E 69 0.32 -7.43 -13.74
C LEU E 69 -0.78 -8.45 -14.00
N ILE E 70 -2.03 -8.03 -13.75
CA ILE E 70 -3.18 -8.92 -13.78
C ILE E 70 -4.08 -8.61 -14.95
N ALA E 71 -4.21 -7.32 -15.31
CA ALA E 71 -5.15 -6.94 -16.35
C ALA E 71 -4.82 -5.55 -16.88
N VAL E 72 -5.20 -5.30 -18.13
CA VAL E 72 -4.89 -4.04 -18.80
C VAL E 72 -6.12 -3.62 -19.59
N ASN E 73 -6.69 -2.48 -19.21
CA ASN E 73 -7.94 -1.97 -19.74
C ASN E 73 -9.01 -3.06 -19.74
N GLY E 74 -9.03 -3.91 -18.71
CA GLY E 74 -10.09 -4.89 -18.54
C GLY E 74 -9.70 -6.27 -19.06
N GLU E 75 -8.65 -6.33 -19.91
CA GLU E 75 -8.21 -7.57 -20.52
C GLU E 75 -7.26 -8.31 -19.58
N SER E 76 -7.73 -9.42 -19.01
CA SER E 76 -6.93 -10.22 -18.10
C SER E 76 -5.67 -10.77 -18.77
N LEU E 77 -4.63 -10.99 -17.97
CA LEU E 77 -3.40 -11.64 -18.40
C LEU E 77 -3.27 -13.03 -17.78
N LEU E 78 -4.32 -13.51 -17.11
CA LEU E 78 -4.14 -14.54 -16.09
C LEU E 78 -4.12 -15.94 -16.69
N GLY E 79 -5.16 -16.32 -17.46
CA GLY E 79 -5.22 -17.63 -18.06
C GLY E 79 -4.09 -17.88 -19.07
N LYS E 80 -3.31 -16.85 -19.39
CA LYS E 80 -2.34 -16.92 -20.47
C LYS E 80 -1.01 -17.40 -19.91
N ALA E 81 -0.08 -17.73 -20.81
CA ALA E 81 1.28 -18.08 -20.45
C ALA E 81 2.14 -16.82 -20.54
N ASN E 82 3.35 -16.89 -20.01
CA ASN E 82 4.13 -15.68 -19.79
C ASN E 82 4.34 -14.97 -21.13
N GLN E 83 4.63 -15.78 -22.17
CA GLN E 83 4.87 -15.28 -23.51
C GLN E 83 3.64 -14.57 -24.06
N GLU E 84 2.48 -15.24 -23.99
CA GLU E 84 1.24 -14.70 -24.53
C GLU E 84 0.87 -13.44 -23.77
N ALA E 85 1.01 -13.50 -22.43
CA ALA E 85 0.65 -12.43 -21.51
C ALA E 85 1.46 -11.17 -21.83
N MET E 86 2.76 -11.36 -21.97
CA MET E 86 3.66 -10.29 -22.35
C MET E 86 3.18 -9.66 -23.65
N GLU E 87 2.86 -10.50 -24.65
CA GLU E 87 2.35 -10.04 -25.94
C GLU E 87 1.12 -9.15 -25.70
N THR E 88 0.11 -9.71 -25.03
CA THR E 88 -1.15 -9.02 -24.76
C THR E 88 -0.90 -7.65 -24.14
N LEU E 89 0.09 -7.56 -23.27
CA LEU E 89 0.41 -6.34 -22.56
C LEU E 89 0.91 -5.28 -23.54
N ARG E 90 1.93 -5.64 -24.34
CA ARG E 90 2.51 -4.75 -25.34
C ARG E 90 1.42 -4.27 -26.30
N ARG E 91 0.60 -5.22 -26.77
CA ARG E 91 -0.50 -4.93 -27.69
C ARG E 91 -1.42 -3.88 -27.07
N SER E 92 -1.73 -4.01 -25.78
CA SER E 92 -2.69 -3.16 -25.10
C SER E 92 -2.16 -1.75 -24.87
N MET E 93 -0.99 -1.40 -25.43
CA MET E 93 -0.37 -0.13 -25.08
C MET E 93 -0.67 0.97 -26.08
N SER E 94 -0.85 0.61 -27.37
CA SER E 94 -0.96 1.65 -28.40
C SER E 94 -2.29 2.38 -28.27
N THR E 95 -2.32 3.63 -28.77
CA THR E 95 -3.43 4.55 -28.56
C THR E 95 -3.83 5.34 -29.82
N GLU E 96 -3.18 5.07 -30.97
CA GLU E 96 -3.25 5.92 -32.16
C GLU E 96 -3.91 7.27 -31.82
N ARG E 100 -2.20 12.32 -25.09
CA ARG E 100 -3.40 11.44 -25.07
C ARG E 100 -2.99 10.02 -24.68
N GLY E 101 -3.87 9.38 -23.90
CA GLY E 101 -3.75 7.97 -23.56
C GLY E 101 -3.72 7.74 -22.05
N MET E 102 -4.06 6.51 -21.67
CA MET E 102 -4.26 6.16 -20.27
C MET E 102 -4.55 4.66 -20.16
N ILE E 103 -3.75 3.94 -19.36
CA ILE E 103 -3.90 2.52 -19.14
C ILE E 103 -4.54 2.27 -17.78
N GLN E 104 -5.60 1.46 -17.74
CA GLN E 104 -6.16 1.00 -16.48
C GLN E 104 -5.50 -0.32 -16.09
N LEU E 105 -4.70 -0.28 -15.03
CA LEU E 105 -4.00 -1.45 -14.55
C LEU E 105 -4.78 -2.09 -13.42
N ILE E 106 -4.72 -3.43 -13.40
CA ILE E 106 -5.00 -4.21 -12.22
C ILE E 106 -3.71 -4.95 -11.86
N VAL E 107 -3.24 -4.77 -10.62
CA VAL E 107 -2.05 -5.46 -10.16
C VAL E 107 -2.41 -6.30 -8.95
N ALA E 108 -1.53 -7.26 -8.65
CA ALA E 108 -1.61 -8.04 -7.44
C ALA E 108 -0.36 -7.80 -6.62
N ARG E 109 -0.55 -7.36 -5.36
CA ARG E 109 0.55 -6.89 -4.53
C ARG E 109 0.52 -7.60 -3.18
N ARG E 110 1.68 -7.98 -2.65
CA ARG E 110 1.72 -8.74 -1.41
C ARG E 110 1.23 -7.91 -0.23
N ILE E 111 0.45 -8.57 0.65
CA ILE E 111 -0.01 -7.99 1.89
C ILE E 111 0.60 -8.76 3.05
N SER E 112 1.19 -9.93 2.80
CA SER E 112 1.84 -10.72 3.83
C SER E 112 2.91 -11.67 3.25
N GLU F 6 11.32 -13.87 -19.80
CA GLU F 6 12.33 -13.01 -20.49
C GLU F 6 12.10 -11.56 -20.06
N GLU F 7 13.17 -10.90 -19.58
CA GLU F 7 13.09 -9.60 -18.91
C GLU F 7 13.02 -8.50 -19.97
N SER F 8 11.86 -7.82 -20.04
CA SER F 8 11.49 -7.00 -21.19
C SER F 8 10.92 -5.65 -20.77
N PHE F 9 11.19 -4.64 -21.60
CA PHE F 9 10.67 -3.30 -21.40
C PHE F 9 9.28 -3.23 -22.04
N VAL F 10 8.44 -2.30 -21.57
CA VAL F 10 7.03 -2.28 -21.97
C VAL F 10 6.39 -0.98 -21.43
N PRO G 7 21.77 -8.01 6.55
CA PRO G 7 22.30 -7.35 5.35
C PRO G 7 22.45 -5.84 5.55
N ASP G 8 23.35 -5.20 4.80
CA ASP G 8 23.59 -3.75 4.94
C ASP G 8 23.04 -3.01 3.72
N GLY G 9 21.74 -3.16 3.43
CA GLY G 9 21.14 -2.54 2.25
C GLY G 9 20.14 -1.44 2.59
N THR G 10 19.31 -1.08 1.61
CA THR G 10 18.46 0.09 1.70
C THR G 10 17.06 -0.29 2.18
N ARG G 11 16.54 0.44 3.17
CA ARG G 11 15.24 0.10 3.72
C ARG G 11 14.30 1.29 3.66
N GLU G 12 13.01 0.96 3.54
CA GLU G 12 11.95 1.99 3.55
C GLU G 12 11.13 1.79 4.82
N PHE G 13 10.44 2.83 5.25
CA PHE G 13 9.65 2.78 6.46
C PHE G 13 8.19 2.45 6.13
N LEU G 14 7.63 1.48 6.84
CA LEU G 14 6.23 1.13 6.74
C LEU G 14 5.62 1.17 8.14
N THR G 15 4.31 1.41 8.20
CA THR G 15 3.58 1.37 9.45
C THR G 15 2.29 0.58 9.25
N PHE G 16 1.93 -0.19 10.29
CA PHE G 16 0.65 -0.88 10.36
C PHE G 16 0.28 -1.09 11.83
N GLU G 17 -1.01 -1.30 12.05
CA GLU G 17 -1.59 -1.56 13.36
C GLU G 17 -1.82 -3.06 13.51
N VAL G 18 -1.38 -3.63 14.64
CA VAL G 18 -1.55 -5.05 14.89
C VAL G 18 -2.44 -5.21 16.12
N PRO G 19 -3.62 -5.85 16.00
CA PRO G 19 -4.48 -6.14 17.16
C PRO G 19 -3.98 -7.28 18.04
N LEU G 20 -4.43 -7.25 19.31
CA LEU G 20 -4.00 -8.15 20.36
C LEU G 20 -5.19 -8.94 20.95
N ASN G 21 -4.91 -9.67 22.05
CA ASN G 21 -5.88 -10.24 22.98
C ASN G 21 -6.77 -11.28 22.28
N ASP G 22 -6.15 -12.44 22.04
CA ASP G 22 -6.63 -13.41 21.07
C ASP G 22 -7.67 -14.32 21.72
N ALA G 26 -0.12 -14.39 24.31
CA ALA G 26 -0.02 -13.29 25.31
C ALA G 26 0.27 -11.97 24.60
N GLY G 27 1.22 -11.99 23.65
CA GLY G 27 1.74 -10.76 23.06
C GLY G 27 1.68 -10.76 21.53
N LEU G 28 2.67 -10.09 20.94
CA LEU G 28 2.80 -9.99 19.48
C LEU G 28 3.06 -11.36 18.87
N GLY G 29 3.87 -12.16 19.57
CA GLY G 29 4.18 -13.51 19.12
C GLY G 29 5.33 -13.48 18.13
N VAL G 30 6.43 -12.82 18.51
CA VAL G 30 7.62 -12.74 17.69
C VAL G 30 8.85 -12.78 18.61
N SER G 31 9.99 -13.24 18.07
CA SER G 31 11.28 -13.03 18.69
C SER G 31 12.04 -11.96 17.93
N VAL G 32 12.78 -11.10 18.66
CA VAL G 32 13.57 -10.06 18.04
C VAL G 32 15.01 -10.18 18.52
N LYS G 33 15.98 -9.75 17.72
CA LYS G 33 17.39 -9.85 18.05
C LYS G 33 18.10 -8.54 17.71
N GLY G 34 19.07 -8.11 18.53
CA GLY G 34 19.93 -7.00 18.18
C GLY G 34 20.92 -7.41 17.08
N ASN G 35 21.30 -6.47 16.22
CA ASN G 35 22.33 -6.72 15.22
C ASN G 35 23.50 -5.78 15.49
N ARG G 36 24.71 -6.33 15.27
CA ARG G 36 25.94 -5.54 15.47
C ARG G 36 26.93 -5.96 14.38
N SER G 37 27.93 -5.12 14.09
CA SER G 37 28.93 -5.40 13.06
C SER G 37 30.27 -4.74 13.37
N LYS G 38 31.34 -5.55 13.38
CA LYS G 38 32.72 -5.07 13.51
C LYS G 38 32.85 -4.16 14.71
N GLU G 39 32.50 -2.87 14.56
CA GLU G 39 32.75 -1.86 15.59
C GLU G 39 31.50 -1.54 16.42
N ASP G 43 24.33 -1.99 17.96
CA ASP G 43 25.01 -1.26 16.86
C ASP G 43 24.05 -0.95 15.71
N LEU G 44 23.28 -1.93 15.18
CA LEU G 44 22.56 -1.73 13.93
C LEU G 44 21.06 -1.56 14.16
N GLY G 45 20.53 -2.19 15.21
CA GLY G 45 19.13 -2.03 15.56
C GLY G 45 18.51 -3.33 16.06
N ILE G 46 17.20 -3.32 16.26
CA ILE G 46 16.45 -4.50 16.67
C ILE G 46 15.68 -5.02 15.47
N PHE G 47 15.80 -6.33 15.19
CA PHE G 47 15.23 -6.94 14.00
C PHE G 47 14.34 -8.12 14.36
N VAL G 48 13.25 -8.31 13.62
CA VAL G 48 12.40 -9.48 13.79
C VAL G 48 13.21 -10.70 13.38
N LYS G 49 13.39 -11.64 14.32
CA LYS G 49 14.12 -12.88 14.05
C LYS G 49 13.16 -13.97 13.61
N SER G 50 12.03 -14.11 14.32
CA SER G 50 11.05 -15.11 13.94
C SER G 50 9.64 -14.67 14.35
N ILE G 51 8.64 -15.26 13.70
CA ILE G 51 7.25 -14.95 13.96
C ILE G 51 6.56 -16.25 14.37
N ILE G 52 6.05 -16.28 15.60
CA ILE G 52 5.44 -17.47 16.15
C ILE G 52 4.09 -17.67 15.47
N ASN G 53 3.90 -18.86 14.91
CA ASN G 53 2.71 -19.16 14.14
C ASN G 53 1.52 -19.17 15.09
N GLY G 54 0.42 -18.53 14.71
CA GLY G 54 -0.74 -18.41 15.57
C GLY G 54 -0.71 -17.14 16.43
N GLY G 55 0.47 -16.52 16.55
CA GLY G 55 0.63 -15.24 17.23
C GLY G 55 -0.16 -14.11 16.56
N ALA G 56 -0.32 -13.00 17.30
CA ALA G 56 -1.06 -11.85 16.83
C ALA G 56 -0.48 -11.35 15.50
N ALA G 57 0.85 -11.27 15.45
CA ALA G 57 1.57 -10.82 14.27
C ALA G 57 1.35 -11.80 13.11
N SER G 58 1.32 -13.10 13.41
CA SER G 58 1.12 -14.11 12.39
C SER G 58 -0.27 -14.01 11.78
N LYS G 59 -1.29 -13.93 12.64
CA LYS G 59 -2.67 -13.78 12.21
C LYS G 59 -2.80 -12.55 11.32
N ASP G 60 -2.13 -11.46 11.70
CA ASP G 60 -2.30 -10.19 11.02
C ASP G 60 -1.57 -10.22 9.68
N GLY G 61 -0.40 -10.84 9.63
CA GLY G 61 0.24 -11.22 8.38
C GLY G 61 1.25 -10.21 7.83
N ARG G 62 1.27 -8.97 8.34
CA ARG G 62 1.99 -7.89 7.67
C ARG G 62 3.44 -7.80 8.12
N LEU G 63 3.73 -8.08 9.40
CA LEU G 63 5.11 -8.06 9.89
C LEU G 63 5.88 -9.21 9.25
N ARG G 64 7.17 -8.98 8.96
CA ARG G 64 7.99 -10.00 8.31
C ARG G 64 9.32 -10.13 9.04
N VAL G 65 9.91 -11.32 8.89
CA VAL G 65 11.25 -11.57 9.39
C VAL G 65 12.22 -10.59 8.75
N ASN G 66 13.16 -10.08 9.55
CA ASN G 66 14.22 -9.18 9.12
C ASN G 66 13.74 -7.74 9.05
N ASP G 67 12.45 -7.48 9.33
CA ASP G 67 11.98 -6.12 9.54
C ASP G 67 12.74 -5.55 10.74
N GLN G 68 13.20 -4.30 10.60
CA GLN G 68 13.80 -3.59 11.72
C GLN G 68 12.69 -2.84 12.43
N LEU G 69 12.61 -2.98 13.76
CA LEU G 69 11.63 -2.26 14.53
C LEU G 69 12.16 -0.85 14.75
N ILE G 70 11.34 0.12 14.39
CA ILE G 70 11.73 1.52 14.40
C ILE G 70 10.98 2.27 15.51
N ALA G 71 9.71 1.89 15.76
CA ALA G 71 8.91 2.62 16.71
C ALA G 71 7.69 1.79 17.12
N VAL G 72 7.25 2.01 18.36
CA VAL G 72 6.13 1.29 18.92
C VAL G 72 5.22 2.28 19.63
N ASN G 73 4.01 2.42 19.10
CA ASN G 73 3.04 3.40 19.59
C ASN G 73 3.68 4.78 19.73
N GLY G 74 4.57 5.13 18.81
CA GLY G 74 5.12 6.47 18.76
C GLY G 74 6.47 6.59 19.47
N GLU G 75 6.83 5.56 20.25
CA GLU G 75 8.09 5.52 20.97
C GLU G 75 9.18 5.00 20.04
N SER G 76 10.06 5.90 19.61
CA SER G 76 11.12 5.55 18.68
C SER G 76 12.12 4.61 19.36
N LEU G 77 12.78 3.77 18.57
CA LEU G 77 13.86 2.92 19.03
C LEU G 77 15.17 3.36 18.39
N LEU G 78 15.12 4.45 17.61
CA LEU G 78 16.30 4.98 16.96
C LEU G 78 17.05 5.85 17.96
N GLY G 79 18.30 6.13 17.64
CA GLY G 79 19.15 6.90 18.54
C GLY G 79 19.65 6.06 19.72
N LYS G 80 18.94 4.98 20.05
CA LYS G 80 19.30 4.17 21.19
C LYS G 80 20.27 3.08 20.77
N ALA G 81 20.87 2.40 21.75
CA ALA G 81 21.69 1.22 21.52
C ALA G 81 20.81 0.00 21.70
N ASN G 82 21.32 -1.17 21.29
CA ASN G 82 20.46 -2.34 21.18
C ASN G 82 19.85 -2.65 22.54
N GLN G 83 20.65 -2.49 23.61
CA GLN G 83 20.22 -2.76 24.98
C GLN G 83 19.06 -1.84 25.36
N GLU G 84 19.26 -0.54 25.16
CA GLU G 84 18.28 0.45 25.56
C GLU G 84 17.01 0.25 24.72
N ALA G 85 17.21 0.01 23.41
CA ALA G 85 16.12 -0.14 22.44
C ALA G 85 15.24 -1.33 22.81
N MET G 86 15.89 -2.45 23.10
CA MET G 86 15.19 -3.64 23.56
C MET G 86 14.36 -3.29 24.79
N GLU G 87 14.96 -2.59 25.77
CA GLU G 87 14.25 -2.17 26.96
C GLU G 87 12.99 -1.39 26.58
N THR G 88 13.19 -0.32 25.81
CA THR G 88 12.10 0.55 25.37
C THR G 88 10.96 -0.25 24.75
N LEU G 89 11.31 -1.29 23.99
CA LEU G 89 10.34 -2.12 23.29
C LEU G 89 9.49 -2.88 24.30
N ARG G 90 10.15 -3.61 25.23
CA ARG G 90 9.48 -4.37 26.26
C ARG G 90 8.55 -3.45 27.07
N ARG G 91 9.08 -2.29 27.46
CA ARG G 91 8.31 -1.30 28.21
C ARG G 91 7.03 -0.93 27.45
N SER G 92 7.17 -0.68 26.14
CA SER G 92 6.08 -0.20 25.31
C SER G 92 5.03 -1.29 25.06
N MET G 93 5.36 -2.54 25.37
CA MET G 93 4.50 -3.67 25.09
C MET G 93 3.67 -4.00 26.32
N SER G 94 4.21 -3.75 27.52
CA SER G 94 3.42 -3.85 28.75
C SER G 94 2.25 -2.86 28.71
N THR G 95 1.36 -3.09 27.72
CA THR G 95 0.14 -2.33 27.53
C THR G 95 -0.87 -2.84 28.56
N GLU G 96 -1.12 -4.15 28.50
CA GLU G 96 -2.06 -4.81 29.39
C GLU G 96 -1.44 -4.89 30.79
N GLY G 97 -0.36 -5.66 30.94
CA GLY G 97 0.28 -5.84 32.23
C GLY G 97 1.53 -6.70 32.14
N GLY G 101 -6.20 -2.72 22.84
CA GLY G 101 -5.47 -3.92 22.34
C GLY G 101 -5.03 -3.76 20.88
N MET G 102 -3.99 -2.96 20.67
CA MET G 102 -3.56 -2.60 19.32
C MET G 102 -2.20 -1.90 19.42
N ILE G 103 -1.19 -2.44 18.71
CA ILE G 103 0.14 -1.85 18.65
C ILE G 103 0.31 -1.17 17.29
N GLN G 104 0.75 0.10 17.28
CA GLN G 104 1.18 0.76 16.06
C GLN G 104 2.67 0.52 15.88
N LEU G 105 3.01 -0.27 14.84
CA LEU G 105 4.40 -0.55 14.52
C LEU G 105 4.85 0.38 13.40
N ILE G 106 6.10 0.82 13.51
CA ILE G 106 6.84 1.36 12.38
C ILE G 106 8.04 0.46 12.16
N VAL G 107 8.16 -0.09 10.95
CA VAL G 107 9.27 -0.96 10.63
C VAL G 107 10.05 -0.39 9.46
N ALA G 108 11.28 -0.87 9.32
CA ALA G 108 12.08 -0.60 8.14
C ALA G 108 12.35 -1.91 7.42
N ARG G 109 12.04 -1.95 6.13
CA ARG G 109 12.05 -3.18 5.35
C ARG G 109 12.87 -2.98 4.09
N ARG G 110 13.67 -3.98 3.75
CA ARG G 110 14.59 -3.83 2.59
C ARG G 110 13.83 -3.75 1.28
N ILE G 111 14.28 -2.87 0.40
CA ILE G 111 13.72 -2.70 -0.91
C ILE G 111 14.13 -3.87 -1.80
N SER G 112 13.13 -4.52 -2.41
CA SER G 112 13.36 -5.53 -3.44
C SER G 112 13.69 -4.86 -4.78
N ASN H 4 27.78 -15.28 23.81
CA ASN H 4 27.26 -13.88 23.71
C ASN H 4 26.09 -13.86 22.75
N MET H 5 25.04 -13.10 23.09
CA MET H 5 23.85 -12.95 22.26
C MET H 5 22.93 -11.88 22.87
N GLU H 6 21.89 -11.49 22.11
CA GLU H 6 20.90 -10.52 22.56
C GLU H 6 19.58 -10.76 21.84
N GLU H 7 18.56 -11.26 22.56
CA GLU H 7 17.34 -11.77 21.95
C GLU H 7 16.19 -11.60 22.92
N SER H 8 14.95 -11.45 22.42
CA SER H 8 13.79 -11.25 23.27
C SER H 8 12.51 -11.76 22.59
N PHE H 9 11.42 -11.90 23.36
CA PHE H 9 10.10 -12.23 22.84
C PHE H 9 9.10 -11.16 23.29
N VAL H 10 8.28 -10.68 22.36
CA VAL H 10 7.34 -9.62 22.69
C VAL H 10 5.96 -9.97 22.11
N ASP I 8 9.15 20.79 -4.25
CA ASP I 8 7.69 20.58 -4.49
C ASP I 8 7.41 19.09 -4.69
N GLY I 9 8.43 18.30 -5.05
CA GLY I 9 8.21 16.87 -5.37
C GLY I 9 7.90 15.99 -4.17
N THR I 10 7.41 14.78 -4.43
CA THR I 10 7.12 13.83 -3.38
C THR I 10 8.32 12.94 -3.10
N ARG I 11 8.65 12.77 -1.81
CA ARG I 11 9.75 11.94 -1.42
C ARG I 11 9.31 10.87 -0.43
N GLU I 12 10.06 9.76 -0.43
CA GLU I 12 9.85 8.65 0.48
C GLU I 12 11.06 8.56 1.40
N PHE I 13 10.90 7.99 2.59
CA PHE I 13 11.99 7.91 3.54
C PHE I 13 12.70 6.57 3.44
N LEU I 14 14.03 6.63 3.34
CA LEU I 14 14.87 5.44 3.31
C LEU I 14 15.93 5.56 4.39
N THR I 15 16.41 4.41 4.87
CA THR I 15 17.50 4.36 5.82
C THR I 15 18.51 3.32 5.39
N PHE I 16 19.79 3.64 5.61
CA PHE I 16 20.90 2.72 5.45
C PHE I 16 22.04 3.15 6.36
N GLU I 17 22.96 2.20 6.63
CA GLU I 17 24.15 2.43 7.43
C GLU I 17 25.34 2.62 6.48
N VAL I 18 26.14 3.65 6.74
CA VAL I 18 27.33 3.93 5.96
C VAL I 18 28.54 3.79 6.89
N PRO I 19 29.48 2.86 6.61
CA PRO I 19 30.70 2.71 7.40
C PRO I 19 31.74 3.81 7.14
N LEU I 20 32.62 4.06 8.11
CA LEU I 20 33.59 5.16 8.07
C LEU I 20 35.05 4.67 8.15
N SER I 25 40.02 9.55 4.78
CA SER I 25 38.83 10.41 4.97
C SER I 25 37.82 9.74 5.92
N ALA I 26 38.04 9.96 7.23
CA ALA I 26 37.18 9.41 8.28
C ALA I 26 35.91 10.24 8.41
N GLY I 27 35.48 10.90 7.31
CA GLY I 27 34.15 11.45 7.16
C GLY I 27 33.42 10.85 5.96
N LEU I 28 32.20 11.35 5.75
CA LEU I 28 31.24 10.78 4.80
C LEU I 28 31.76 10.92 3.37
N GLY I 29 32.34 12.10 3.09
CA GLY I 29 32.83 12.42 1.77
C GLY I 29 31.70 12.89 0.87
N VAL I 30 30.94 13.89 1.37
CA VAL I 30 29.87 14.48 0.58
C VAL I 30 29.88 16.00 0.78
N SER I 31 29.41 16.72 -0.23
CA SER I 31 29.02 18.12 -0.05
C SER I 31 27.50 18.19 0.00
N VAL I 32 26.98 19.02 0.90
CA VAL I 32 25.55 19.15 1.09
C VAL I 32 25.26 20.65 1.04
N LYS I 33 24.08 21.02 0.55
CA LYS I 33 23.71 22.41 0.41
C LYS I 33 22.29 22.62 0.92
N GLY I 34 22.06 23.75 1.59
CA GLY I 34 20.71 24.14 1.97
C GLY I 34 19.92 24.57 0.74
N ASN I 35 18.61 24.33 0.74
CA ASN I 35 17.74 24.83 -0.31
C ASN I 35 16.75 25.79 0.33
N ARG I 36 16.40 26.86 -0.39
CA ARG I 36 15.40 27.82 0.07
C ARG I 36 14.44 28.14 -1.08
N SER I 37 13.19 28.42 -0.73
CA SER I 37 12.24 28.93 -1.70
C SER I 37 12.22 30.46 -1.59
N LYS I 38 12.78 31.08 -2.63
CA LYS I 38 12.68 32.49 -2.94
C LYS I 38 11.31 33.04 -2.53
N GLU I 39 10.28 32.62 -3.26
CA GLU I 39 8.98 33.29 -3.28
C GLU I 39 8.20 33.06 -2.00
N ASN I 40 8.47 31.97 -1.27
CA ASN I 40 7.70 31.59 -0.11
C ASN I 40 8.52 31.84 1.16
N HIS I 41 9.67 32.49 1.00
CA HIS I 41 10.54 32.86 2.10
C HIS I 41 10.67 31.70 3.09
N ALA I 42 11.24 30.57 2.65
CA ALA I 42 11.18 29.34 3.43
C ALA I 42 12.35 28.40 3.10
N ASP I 43 13.02 27.93 4.16
CA ASP I 43 14.04 26.90 4.08
C ASP I 43 13.41 25.54 3.77
N LEU I 44 14.07 24.77 2.90
CA LEU I 44 13.53 23.52 2.38
C LEU I 44 14.21 22.29 3.01
N GLY I 45 15.49 22.43 3.39
CA GLY I 45 16.21 21.35 4.03
C GLY I 45 17.66 21.29 3.53
N ILE I 46 18.39 20.25 3.98
CA ILE I 46 19.75 20.04 3.50
C ILE I 46 19.75 18.85 2.54
N PHE I 47 20.39 19.06 1.38
CA PHE I 47 20.37 18.09 0.29
C PHE I 47 21.78 17.73 -0.17
N VAL I 48 21.98 16.46 -0.53
CA VAL I 48 23.28 16.03 -1.01
C VAL I 48 23.52 16.69 -2.36
N LYS I 49 24.61 17.47 -2.46
CA LYS I 49 24.97 18.15 -3.70
C LYS I 49 25.92 17.28 -4.53
N SER I 50 26.93 16.70 -3.88
CA SER I 50 27.83 15.77 -4.54
C SER I 50 28.34 14.72 -3.57
N ILE I 51 28.74 13.57 -4.12
CA ILE I 51 29.30 12.49 -3.32
C ILE I 51 30.71 12.21 -3.83
N ILE I 52 31.69 12.50 -2.97
CA ILE I 52 33.07 12.63 -3.37
C ILE I 52 33.61 11.23 -3.56
N ASN I 53 34.20 11.03 -4.74
CA ASN I 53 34.68 9.74 -5.17
C ASN I 53 35.79 9.27 -4.24
N GLY I 54 35.71 8.01 -3.81
CA GLY I 54 36.66 7.45 -2.87
C GLY I 54 36.19 7.59 -1.41
N GLY I 55 35.25 8.51 -1.16
CA GLY I 55 34.67 8.71 0.15
C GLY I 55 33.89 7.49 0.66
N ALA I 56 33.59 7.54 1.96
CA ALA I 56 32.85 6.48 2.62
C ALA I 56 31.51 6.25 1.92
N ALA I 57 30.84 7.38 1.59
CA ALA I 57 29.55 7.35 0.90
C ALA I 57 29.70 6.72 -0.47
N SER I 58 30.79 7.04 -1.17
CA SER I 58 31.03 6.51 -2.50
C SER I 58 31.23 5.01 -2.47
N LYS I 59 32.09 4.54 -1.57
CA LYS I 59 32.34 3.12 -1.38
C LYS I 59 31.04 2.40 -1.09
N ASP I 60 30.19 3.00 -0.26
CA ASP I 60 28.99 2.33 0.22
C ASP I 60 27.95 2.29 -0.90
N GLY I 61 27.82 3.39 -1.67
CA GLY I 61 27.05 3.42 -2.89
C GLY I 61 25.56 3.77 -2.74
N ARG I 62 25.04 3.84 -1.51
CA ARG I 62 23.59 3.92 -1.30
C ARG I 62 23.11 5.37 -1.30
N LEU I 63 23.89 6.28 -0.73
CA LEU I 63 23.52 7.69 -0.71
C LEU I 63 23.58 8.22 -2.15
N ARG I 64 22.66 9.13 -2.46
CA ARG I 64 22.58 9.63 -3.84
C ARG I 64 22.34 11.14 -3.85
N VAL I 65 22.89 11.81 -4.85
CA VAL I 65 22.73 13.22 -5.04
C VAL I 65 21.24 13.55 -5.02
N ASN I 66 20.92 14.67 -4.37
CA ASN I 66 19.58 15.21 -4.24
C ASN I 66 18.76 14.50 -3.17
N ASP I 67 19.33 13.50 -2.49
CA ASP I 67 18.75 12.99 -1.27
C ASP I 67 18.71 14.12 -0.23
N GLN I 68 17.58 14.25 0.46
CA GLN I 68 17.45 15.17 1.57
C GLN I 68 17.86 14.43 2.83
N LEU I 69 18.76 15.03 3.63
CA LEU I 69 19.18 14.42 4.88
C LEU I 69 18.13 14.72 5.94
N ILE I 70 17.61 13.66 6.57
CA ILE I 70 16.50 13.75 7.49
C ILE I 70 16.96 13.45 8.91
N ALA I 71 17.92 12.55 9.10
CA ALA I 71 18.36 12.18 10.43
C ALA I 71 19.71 11.47 10.38
N VAL I 72 20.49 11.59 11.44
CA VAL I 72 21.82 11.01 11.55
C VAL I 72 21.95 10.35 12.93
N ASN I 73 22.10 9.03 12.93
CA ASN I 73 22.12 8.21 14.14
C ASN I 73 20.92 8.54 15.01
N GLY I 74 19.77 8.86 14.43
CA GLY I 74 18.55 9.08 15.19
C GLY I 74 18.30 10.55 15.51
N GLU I 75 19.32 11.40 15.30
CA GLU I 75 19.24 12.82 15.54
C GLU I 75 18.60 13.49 14.32
N SER I 76 17.36 13.95 14.48
CA SER I 76 16.61 14.52 13.37
C SER I 76 17.24 15.83 12.93
N LEU I 77 17.08 16.16 11.65
CA LEU I 77 17.54 17.42 11.11
C LEU I 77 16.34 18.27 10.71
N LEU I 78 15.12 17.82 11.04
CA LEU I 78 13.93 18.36 10.42
C LEU I 78 13.46 19.66 11.06
N GLY I 79 13.20 19.67 12.36
CA GLY I 79 12.41 20.73 12.96
C GLY I 79 13.22 22.01 13.15
N LYS I 80 14.05 22.35 12.15
CA LYS I 80 14.99 23.45 12.31
C LYS I 80 15.36 24.05 10.97
N ALA I 81 16.22 25.08 10.98
CA ALA I 81 16.53 25.84 9.78
C ALA I 81 17.82 25.30 9.19
N ASN I 82 18.13 25.73 7.96
CA ASN I 82 19.21 25.11 7.21
C ASN I 82 20.51 25.24 8.00
N GLN I 83 20.71 26.41 8.62
CA GLN I 83 21.88 26.72 9.41
C GLN I 83 22.00 25.74 10.58
N GLU I 84 20.93 25.63 11.37
CA GLU I 84 20.94 24.81 12.57
C GLU I 84 21.14 23.35 12.15
N ALA I 85 20.42 22.93 11.08
CA ALA I 85 20.42 21.56 10.59
C ALA I 85 21.82 21.13 10.16
N MET I 86 22.45 22.01 9.37
CA MET I 86 23.82 21.78 8.94
C MET I 86 24.70 21.60 10.18
N GLU I 87 24.57 22.48 11.18
CA GLU I 87 25.32 22.38 12.42
C GLU I 87 25.11 21.01 13.05
N THR I 88 23.86 20.64 13.29
CA THR I 88 23.50 19.37 13.90
C THR I 88 24.19 18.20 13.19
N LEU I 89 24.28 18.28 11.86
CA LEU I 89 24.87 17.23 11.06
C LEU I 89 26.36 17.12 11.36
N ARG I 90 27.09 18.25 11.26
CA ARG I 90 28.52 18.32 11.56
C ARG I 90 28.80 17.80 12.97
N ARG I 91 28.00 18.26 13.92
CA ARG I 91 28.10 17.86 15.32
C ARG I 91 28.00 16.34 15.43
N SER I 92 27.03 15.75 14.73
CA SER I 92 26.74 14.33 14.83
C SER I 92 27.84 13.47 14.20
N MET I 93 28.74 14.08 13.43
CA MET I 93 29.80 13.33 12.78
C MET I 93 31.09 13.38 13.62
N SER I 94 31.30 14.49 14.32
CA SER I 94 32.45 14.63 15.20
C SER I 94 32.41 13.60 16.32
N THR I 95 31.32 13.57 17.10
CA THR I 95 31.04 12.48 18.03
C THR I 95 30.51 11.28 17.24
N MET I 102 30.49 4.23 11.82
CA MET I 102 29.23 3.92 11.11
C MET I 102 28.21 5.02 11.40
N ILE I 103 27.69 5.66 10.35
CA ILE I 103 26.58 6.61 10.41
C ILE I 103 25.30 5.89 9.94
N GLN I 104 24.24 6.00 10.74
CA GLN I 104 22.90 5.59 10.30
C GLN I 104 22.21 6.80 9.68
N LEU I 105 21.99 6.76 8.36
CA LEU I 105 21.30 7.85 7.68
C LEU I 105 19.82 7.51 7.52
N ILE I 106 19.00 8.56 7.65
CA ILE I 106 17.66 8.57 7.11
C ILE I 106 17.59 9.68 6.08
N VAL I 107 17.20 9.31 4.86
CA VAL I 107 17.12 10.29 3.78
C VAL I 107 15.71 10.28 3.24
N ALA I 108 15.39 11.36 2.51
CA ALA I 108 14.16 11.44 1.75
C ALA I 108 14.52 11.56 0.28
N ARG I 109 13.97 10.63 -0.53
CA ARG I 109 14.37 10.50 -1.92
C ARG I 109 13.13 10.55 -2.80
N ARG I 110 13.23 11.27 -3.93
CA ARG I 110 12.07 11.49 -4.77
C ARG I 110 11.57 10.18 -5.37
N ILE I 111 10.25 10.12 -5.48
CA ILE I 111 9.51 9.18 -6.31
C ILE I 111 9.06 9.84 -7.61
N SER I 112 8.86 11.17 -7.54
CA SER I 112 8.57 12.01 -8.71
C SER I 112 9.67 11.82 -9.76
N ASN J 4 21.57 29.10 -0.45
CA ASN J 4 22.12 28.92 0.92
C ASN J 4 23.50 28.26 0.85
N MET J 5 24.14 28.20 2.03
CA MET J 5 25.49 27.72 2.19
C MET J 5 25.59 26.30 1.67
N GLU J 6 26.80 25.90 1.26
CA GLU J 6 27.09 24.49 1.11
C GLU J 6 28.28 24.15 2.01
N GLU J 7 28.22 22.98 2.68
CA GLU J 7 29.32 22.47 3.48
C GLU J 7 29.77 21.11 2.94
N SER J 8 31.03 21.04 2.49
CA SER J 8 31.71 19.77 2.24
C SER J 8 32.04 19.08 3.56
N PHE J 9 31.57 17.85 3.71
CA PHE J 9 31.87 17.05 4.89
C PHE J 9 32.89 15.98 4.56
N VAL J 10 34.17 16.37 4.57
CA VAL J 10 35.28 15.44 4.43
C VAL J 10 35.48 14.72 5.78
N ASP K 8 -23.60 -13.00 3.91
CA ASP K 8 -22.27 -13.50 4.38
C ASP K 8 -21.28 -12.33 4.39
N GLY K 9 -21.72 -11.14 4.80
CA GLY K 9 -20.83 -9.98 4.95
C GLY K 9 -20.00 -9.50 3.78
N THR K 10 -19.01 -8.66 4.08
CA THR K 10 -18.17 -8.01 3.08
C THR K 10 -16.91 -8.84 2.89
N ARG K 11 -16.50 -9.07 1.64
CA ARG K 11 -15.31 -9.88 1.39
C ARG K 11 -14.26 -9.11 0.58
N GLU K 12 -13.00 -9.48 0.81
CA GLU K 12 -11.84 -8.97 0.09
C GLU K 12 -11.31 -10.11 -0.77
N PHE K 13 -10.64 -9.78 -1.87
CA PHE K 13 -10.09 -10.80 -2.77
C PHE K 13 -8.62 -11.04 -2.43
N LEU K 14 -8.25 -12.30 -2.23
CA LEU K 14 -6.87 -12.68 -2.03
C LEU K 14 -6.45 -13.72 -3.05
N THR K 15 -5.15 -13.69 -3.37
CA THR K 15 -4.58 -14.66 -4.28
C THR K 15 -3.29 -15.20 -3.68
N PHE K 16 -3.11 -16.51 -3.84
CA PHE K 16 -1.90 -17.20 -3.44
C PHE K 16 -1.72 -18.45 -4.30
N GLU K 17 -0.46 -18.89 -4.39
CA GLU K 17 -0.08 -20.11 -5.09
C GLU K 17 0.07 -21.26 -4.11
N VAL K 18 -0.53 -22.41 -4.45
CA VAL K 18 -0.49 -23.57 -3.58
C VAL K 18 0.28 -24.68 -4.29
N PRO K 19 1.41 -25.15 -3.71
CA PRO K 19 2.18 -26.26 -4.29
C PRO K 19 1.56 -27.63 -4.03
N LEU K 20 1.92 -28.60 -4.87
CA LEU K 20 1.34 -29.94 -4.88
C LEU K 20 2.40 -31.04 -4.69
N ASN K 21 2.21 -32.17 -5.40
CA ASN K 21 2.93 -33.44 -5.28
C ASN K 21 2.92 -33.93 -3.82
N SER K 25 0.18 -36.63 -8.28
CA SER K 25 0.14 -36.96 -6.83
C SER K 25 -1.23 -36.59 -6.23
N ALA K 26 -1.24 -36.02 -5.02
CA ALA K 26 -2.46 -35.76 -4.26
C ALA K 26 -3.12 -34.48 -4.77
N GLY K 27 -4.42 -34.29 -4.41
CA GLY K 27 -5.15 -33.10 -4.78
C GLY K 27 -4.81 -31.90 -3.88
N LEU K 28 -5.68 -30.89 -3.93
CA LEU K 28 -5.63 -29.74 -3.04
C LEU K 28 -5.87 -30.16 -1.59
N GLY K 29 -6.79 -31.11 -1.41
CA GLY K 29 -7.07 -31.68 -0.11
C GLY K 29 -8.08 -30.82 0.65
N VAL K 30 -9.19 -30.50 -0.01
CA VAL K 30 -10.27 -29.75 0.60
C VAL K 30 -11.61 -30.29 0.11
N SER K 31 -12.67 -30.11 0.90
CA SER K 31 -14.03 -30.28 0.43
C SER K 31 -14.67 -28.91 0.23
N VAL K 32 -15.48 -28.77 -0.82
CA VAL K 32 -16.13 -27.51 -1.13
C VAL K 32 -17.63 -27.76 -1.25
N LYS K 33 -18.44 -26.74 -0.96
CA LYS K 33 -19.89 -26.85 -0.97
C LYS K 33 -20.48 -25.64 -1.71
N GLY K 34 -21.58 -25.84 -2.44
CA GLY K 34 -22.31 -24.71 -3.01
C GLY K 34 -23.09 -23.98 -1.93
N ASN K 35 -23.30 -22.68 -2.12
CA ASN K 35 -24.30 -21.89 -1.40
C ASN K 35 -24.04 -22.00 0.12
N ALA K 42 -31.57 -19.31 -4.28
CA ALA K 42 -30.74 -18.32 -5.00
C ALA K 42 -29.26 -18.73 -4.95
N ASP K 43 -28.63 -18.83 -6.12
CA ASP K 43 -27.36 -19.53 -6.25
C ASP K 43 -26.23 -18.54 -6.00
N LEU K 44 -25.27 -18.88 -5.12
CA LEU K 44 -24.24 -17.95 -4.67
C LEU K 44 -22.89 -18.34 -5.29
N GLY K 45 -22.21 -19.32 -4.71
CA GLY K 45 -20.85 -19.63 -5.14
C GLY K 45 -20.37 -20.92 -4.52
N ILE K 46 -19.10 -21.23 -4.74
CA ILE K 46 -18.44 -22.39 -4.16
C ILE K 46 -17.59 -21.94 -2.99
N PHE K 47 -17.74 -22.61 -1.84
CA PHE K 47 -17.05 -22.22 -0.62
C PHE K 47 -16.29 -23.39 -0.03
N VAL K 48 -15.11 -23.12 0.55
CA VAL K 48 -14.35 -24.15 1.22
C VAL K 48 -15.15 -24.59 2.45
N LYS K 49 -15.48 -25.88 2.50
CA LYS K 49 -16.23 -26.44 3.61
C LYS K 49 -15.28 -26.99 4.66
N SER K 50 -14.25 -27.73 4.23
CA SER K 50 -13.22 -28.20 5.13
C SER K 50 -11.89 -28.33 4.42
N ILE K 51 -10.78 -28.30 5.19
CA ILE K 51 -9.45 -28.50 4.64
C ILE K 51 -8.85 -29.74 5.30
N ILE K 52 -8.57 -30.73 4.46
CA ILE K 52 -8.18 -32.05 4.93
C ILE K 52 -6.76 -31.94 5.45
N ASN K 53 -6.58 -32.39 6.70
CA ASN K 53 -5.33 -32.19 7.40
C ASN K 53 -4.26 -33.05 6.71
N GLY K 54 -3.08 -32.47 6.49
CA GLY K 54 -2.01 -33.12 5.78
C GLY K 54 -2.01 -32.80 4.29
N GLY K 55 -3.18 -32.40 3.75
CA GLY K 55 -3.33 -32.06 2.36
C GLY K 55 -2.52 -30.84 1.92
N ALA K 56 -2.44 -30.62 0.61
CA ALA K 56 -1.58 -29.59 0.05
C ALA K 56 -1.96 -28.21 0.60
N ALA K 57 -3.28 -27.97 0.68
CA ALA K 57 -3.83 -26.75 1.21
C ALA K 57 -3.48 -26.59 2.69
N SER K 58 -3.53 -27.70 3.43
CA SER K 58 -3.24 -27.67 4.85
C SER K 58 -1.77 -27.32 5.09
N LYS K 59 -0.87 -28.00 4.37
CA LYS K 59 0.55 -27.74 4.45
C LYS K 59 0.84 -26.28 4.14
N ASP K 60 0.14 -25.72 3.15
CA ASP K 60 0.41 -24.38 2.66
C ASP K 60 -0.10 -23.36 3.67
N GLY K 61 -1.28 -23.61 4.25
CA GLY K 61 -1.73 -22.92 5.45
C GLY K 61 -2.56 -21.66 5.22
N ARG K 62 -2.63 -21.16 3.98
CA ARG K 62 -3.23 -19.86 3.71
C ARG K 62 -4.73 -19.99 3.43
N LEU K 63 -5.18 -21.04 2.76
CA LEU K 63 -6.61 -21.22 2.47
C LEU K 63 -7.35 -21.47 3.78
N ARG K 64 -8.58 -20.95 3.88
CA ARG K 64 -9.37 -21.07 5.10
C ARG K 64 -10.78 -21.51 4.78
N VAL K 65 -11.42 -22.15 5.76
CA VAL K 65 -12.82 -22.52 5.67
C VAL K 65 -13.64 -21.27 5.44
N ASN K 66 -14.64 -21.39 4.57
CA ASN K 66 -15.60 -20.33 4.26
C ASN K 66 -15.04 -19.33 3.26
N ASP K 67 -13.79 -19.50 2.82
CA ASP K 67 -13.29 -18.80 1.65
C ASP K 67 -14.15 -19.20 0.44
N GLN K 68 -14.54 -18.20 -0.35
CA GLN K 68 -15.23 -18.46 -1.60
C GLN K 68 -14.19 -18.60 -2.69
N LEU K 69 -14.30 -19.66 -3.51
CA LEU K 69 -13.38 -19.84 -4.63
C LEU K 69 -13.87 -18.98 -5.77
N ILE K 70 -12.99 -18.12 -6.29
CA ILE K 70 -13.32 -17.12 -7.27
C ILE K 70 -12.68 -17.47 -8.62
N ALA K 71 -11.48 -18.05 -8.60
CA ALA K 71 -10.76 -18.35 -9.82
C ALA K 71 -9.65 -19.35 -9.57
N VAL K 72 -9.32 -20.13 -10.62
CA VAL K 72 -8.30 -21.16 -10.52
C VAL K 72 -7.46 -21.13 -11.78
N ASN K 73 -6.16 -20.82 -11.60
CA ASN K 73 -5.22 -20.62 -12.70
C ASN K 73 -5.80 -19.68 -13.76
N GLY K 74 -6.56 -18.67 -13.33
CA GLY K 74 -7.02 -17.64 -14.26
C GLY K 74 -8.42 -17.93 -14.81
N GLU K 75 -8.94 -19.13 -14.53
CA GLU K 75 -10.29 -19.50 -14.93
C GLU K 75 -11.25 -19.00 -13.85
N SER K 76 -12.02 -17.95 -14.14
CA SER K 76 -12.98 -17.42 -13.19
C SER K 76 -14.09 -18.44 -12.97
N LEU K 77 -14.79 -18.32 -11.84
CA LEU K 77 -16.01 -19.13 -11.65
C LEU K 77 -17.10 -18.06 -11.66
N LEU K 78 -17.56 -17.64 -10.48
CA LEU K 78 -18.49 -16.48 -10.38
C LEU K 78 -19.62 -16.52 -11.40
N GLY K 79 -19.37 -16.06 -12.62
CA GLY K 79 -20.45 -15.92 -13.58
C GLY K 79 -21.31 -17.20 -13.67
N LYS K 80 -20.78 -18.30 -13.16
CA LYS K 80 -21.37 -19.61 -13.42
C LYS K 80 -22.34 -19.95 -12.30
N ALA K 81 -23.09 -21.05 -12.47
CA ALA K 81 -23.91 -21.59 -11.39
C ALA K 81 -23.12 -22.66 -10.66
N ASN K 82 -23.63 -23.08 -9.49
CA ASN K 82 -22.82 -23.88 -8.57
C ASN K 82 -22.36 -25.16 -9.29
N GLN K 83 -23.27 -25.74 -10.07
CA GLN K 83 -23.01 -26.97 -10.81
C GLN K 83 -21.88 -26.77 -11.82
N GLU K 84 -22.01 -25.72 -12.64
CA GLU K 84 -21.04 -25.46 -13.69
C GLU K 84 -19.69 -25.11 -13.06
N ALA K 85 -19.75 -24.30 -11.99
CA ALA K 85 -18.56 -23.81 -11.29
C ALA K 85 -17.77 -24.97 -10.70
N MET K 86 -18.49 -25.87 -10.04
CA MET K 86 -17.89 -27.08 -9.51
C MET K 86 -17.18 -27.84 -10.63
N GLU K 87 -17.87 -28.01 -11.78
CA GLU K 87 -17.29 -28.68 -12.94
C GLU K 87 -15.97 -28.01 -13.31
N THR K 88 -16.03 -26.70 -13.57
CA THR K 88 -14.88 -25.91 -13.97
C THR K 88 -13.69 -26.12 -13.03
N LEU K 89 -14.00 -26.23 -11.74
CA LEU K 89 -12.98 -26.40 -10.70
C LEU K 89 -12.28 -27.74 -10.87
N ARG K 90 -13.07 -28.82 -10.92
CA ARG K 90 -12.55 -30.18 -11.11
C ARG K 90 -11.70 -30.25 -12.38
N ARG K 91 -12.23 -29.68 -13.47
CA ARG K 91 -11.53 -29.63 -14.75
C ARG K 91 -10.16 -28.99 -14.57
N SER K 92 -10.12 -27.86 -13.84
CA SER K 92 -8.90 -27.07 -13.69
C SER K 92 -7.86 -27.76 -12.82
N MET K 93 -8.21 -28.87 -12.16
CA MET K 93 -7.21 -29.72 -11.52
C MET K 93 -6.87 -30.86 -12.49
N MET K 102 1.21 -26.76 -9.23
CA MET K 102 1.05 -25.52 -8.43
C MET K 102 -0.18 -24.76 -8.94
N ILE K 103 -1.16 -24.53 -8.04
CA ILE K 103 -2.41 -23.89 -8.41
C ILE K 103 -2.42 -22.43 -7.95
N GLN K 104 -2.75 -21.49 -8.85
CA GLN K 104 -3.03 -20.12 -8.48
C GLN K 104 -4.51 -19.97 -8.10
N LEU K 105 -4.76 -19.73 -6.81
CA LEU K 105 -6.11 -19.50 -6.32
C LEU K 105 -6.38 -18.01 -6.19
N ILE K 106 -7.63 -17.64 -6.49
CA ILE K 106 -8.21 -16.38 -6.06
C ILE K 106 -9.41 -16.72 -5.19
N VAL K 107 -9.41 -16.22 -3.95
CA VAL K 107 -10.50 -16.45 -3.03
C VAL K 107 -11.09 -15.12 -2.61
N ALA K 108 -12.32 -15.18 -2.08
CA ALA K 108 -12.95 -14.04 -1.43
C ALA K 108 -13.17 -14.37 0.04
N ARG K 109 -12.65 -13.53 0.93
CA ARG K 109 -12.62 -13.83 2.35
C ARG K 109 -13.23 -12.68 3.14
N ARG K 110 -14.07 -13.02 4.13
CA ARG K 110 -14.80 -12.02 4.89
C ARG K 110 -13.84 -11.21 5.73
N ILE K 111 -14.10 -9.91 5.81
CA ILE K 111 -13.51 -9.00 6.79
C ILE K 111 -14.60 -8.55 7.76
N SER K 112 -15.87 -8.67 7.35
CA SER K 112 -17.03 -8.11 8.03
C SER K 112 -18.28 -8.79 7.46
N GLU L 7 -20.99 -31.74 -0.43
CA GLU L 7 -19.54 -31.52 -0.11
C GLU L 7 -18.69 -32.50 -0.92
N SER L 8 -17.76 -31.96 -1.72
CA SER L 8 -17.03 -32.69 -2.74
C SER L 8 -15.53 -32.43 -2.63
N PHE L 9 -14.72 -33.48 -2.79
CA PHE L 9 -13.28 -33.40 -2.54
C PHE L 9 -12.57 -32.91 -3.79
N VAL L 10 -11.50 -32.14 -3.59
CA VAL L 10 -10.71 -31.55 -4.67
C VAL L 10 -9.24 -31.46 -4.23
#